data_7K46
#
_entry.id   7K46
#
_cell.length_a   136.240
_cell.length_b   136.240
_cell.length_c   136.240
_cell.angle_alpha   90.000
_cell.angle_beta   90.000
_cell.angle_gamma   90.000
#
_symmetry.space_group_name_H-M   'I 2 3'
#
loop_
_entity.id
_entity.type
_entity.pdbx_description
1 polymer 'Aspartate carbamoyltransferase'
2 non-polymer 1,2-ETHANEDIOL
3 water water
#
_entity_poly.entity_id   1
_entity_poly.type   'polypeptide(L)'
_entity_poly.pdbx_seq_one_letter_code
;MPTFNPVASLKGQSVASAAQFSRADIDALIQLALDMKTHIEAGKTIDTLRGRVMTPLFFEDSSRTLSSFCAAMMRLGGSV
VNFKVETSSVNKGETLQDTIRTLDSYSDVLVLRHAKEEALEQAMSVATHPIMNAGNGAGEHPTQALLDILTIHAELGAVD
GIAIALIGDLKKGRTVHSLLKLLAHNFALRKVYLIAPAGLEMPAEVLEHVATDVVKRGIAIQQASGLTPEIVADCDVLYA
TRLQKERFVASAAGDADALTAFEASKASLLIDKARLAHAKAKMVVMHPLPRVDELSTDIDDDPRAAYFRQMRYGLFMRMA
ILFSVLSGHHHHHH
;
_entity_poly.pdbx_strand_id   A
#
# COMPACT_ATOMS: atom_id res chain seq x y z
N THR A 3 11.83 -23.72 5.91
CA THR A 3 10.39 -23.69 6.09
C THR A 3 9.94 -22.36 6.72
N PHE A 4 8.70 -21.95 6.44
CA PHE A 4 8.16 -20.70 6.95
C PHE A 4 6.89 -20.97 7.74
N ASN A 5 6.64 -20.15 8.75
CA ASN A 5 5.42 -20.27 9.53
C ASN A 5 4.38 -19.29 9.01
N PRO A 6 3.24 -19.76 8.53
CA PRO A 6 2.22 -18.83 8.03
C PRO A 6 1.62 -18.01 9.17
N VAL A 7 1.14 -16.82 8.83
CA VAL A 7 0.38 -16.01 9.79
C VAL A 7 -1.01 -16.63 9.88
N ALA A 8 -1.27 -17.34 10.98
CA ALA A 8 -2.42 -18.24 11.03
C ALA A 8 -3.75 -17.50 10.90
N SER A 9 -3.82 -16.25 11.34
CA SER A 9 -5.10 -15.54 11.29
C SER A 9 -5.57 -15.29 9.87
N LEU A 10 -4.68 -15.36 8.87
CA LEU A 10 -5.08 -15.16 7.49
C LEU A 10 -5.56 -16.43 6.80
N LYS A 11 -5.45 -17.60 7.43
CA LYS A 11 -5.71 -18.84 6.73
C LYS A 11 -7.13 -18.88 6.17
N GLY A 12 -7.23 -19.04 4.85
CA GLY A 12 -8.52 -19.15 4.18
C GLY A 12 -9.37 -17.90 4.19
N GLN A 13 -8.78 -16.75 4.48
CA GLN A 13 -9.51 -15.49 4.62
C GLN A 13 -9.30 -14.57 3.43
N SER A 14 -10.39 -13.99 2.94
CA SER A 14 -10.29 -12.88 2.00
C SER A 14 -9.62 -11.69 2.68
N VAL A 15 -8.88 -10.92 1.90
CA VAL A 15 -8.16 -9.74 2.40
C VAL A 15 -8.80 -8.54 1.72
N ALA A 16 -9.74 -7.91 2.42
CA ALA A 16 -10.52 -6.81 1.87
C ALA A 16 -10.02 -5.44 2.28
N SER A 17 -9.50 -5.32 3.49
CA SER A 17 -9.07 -4.04 4.04
CA SER A 17 -9.06 -4.04 4.02
C SER A 17 -7.92 -4.28 5.01
N ALA A 18 -6.96 -3.35 5.02
CA ALA A 18 -5.88 -3.47 6.00
C ALA A 18 -6.40 -3.29 7.42
N ALA A 19 -7.56 -2.66 7.59
CA ALA A 19 -8.13 -2.53 8.92
C ALA A 19 -8.53 -3.89 9.52
N GLN A 20 -8.56 -4.96 8.74
CA GLN A 20 -8.93 -6.24 9.34
C GLN A 20 -7.79 -6.88 10.12
N PHE A 21 -6.59 -6.30 10.11
CA PHE A 21 -5.43 -6.86 10.79
C PHE A 21 -5.14 -6.16 12.12
N SER A 22 -4.69 -6.94 13.11
CA SER A 22 -4.17 -6.37 14.34
C SER A 22 -2.72 -5.95 14.15
N ARG A 23 -2.20 -5.17 15.11
CA ARG A 23 -0.78 -4.86 15.09
C ARG A 23 0.06 -6.13 15.11
N ALA A 24 -0.36 -7.13 15.90
CA ALA A 24 0.34 -8.40 15.93
C ALA A 24 0.36 -9.08 14.56
N ASP A 25 -0.78 -9.05 13.84
CA ASP A 25 -0.82 -9.58 12.47
C ASP A 25 0.19 -8.87 11.57
N ILE A 26 0.24 -7.55 11.68
CA ILE A 26 1.13 -6.76 10.83
C ILE A 26 2.58 -7.08 11.16
N ASP A 27 2.92 -7.11 12.45
CA ASP A 27 4.26 -7.52 12.87
C ASP A 27 4.62 -8.88 12.26
N ALA A 28 3.69 -9.83 12.32
CA ALA A 28 3.98 -11.17 11.84
C ALA A 28 4.15 -11.19 10.33
N LEU A 29 3.31 -10.42 9.61
CA LEU A 29 3.46 -10.35 8.15
C LEU A 29 4.76 -9.69 7.77
N ILE A 30 5.16 -8.65 8.51
CA ILE A 30 6.44 -8.01 8.22
C ILE A 30 7.58 -9.01 8.37
N GLN A 31 7.60 -9.77 9.48
CA GLN A 31 8.69 -10.71 9.70
C GLN A 31 8.70 -11.80 8.64
N LEU A 32 7.52 -12.29 8.25
CA LEU A 32 7.45 -13.35 7.24
C LEU A 32 7.93 -12.83 5.88
N ALA A 33 7.54 -11.60 5.52
CA ALA A 33 8.01 -11.04 4.25
C ALA A 33 9.52 -10.88 4.24
N LEU A 34 10.10 -10.42 5.34
CA LEU A 34 11.54 -10.26 5.41
C LEU A 34 12.24 -11.61 5.37
N ASP A 35 11.68 -12.61 6.05
CA ASP A 35 12.29 -13.95 6.03
C ASP A 35 12.27 -14.53 4.61
N MET A 36 11.16 -14.33 3.89
CA MET A 36 11.11 -14.75 2.50
C MET A 36 12.08 -13.96 1.63
N LYS A 37 12.21 -12.66 1.89
CA LYS A 37 13.18 -11.86 1.13
C LYS A 37 14.59 -12.43 1.26
N THR A 38 15.02 -12.74 2.48
CA THR A 38 16.34 -13.32 2.67
C THR A 38 16.49 -14.63 1.90
N HIS A 39 15.50 -15.50 2.04
CA HIS A 39 15.46 -16.80 1.37
C HIS A 39 15.57 -16.65 -0.15
N ILE A 40 14.67 -15.85 -0.73
CA ILE A 40 14.61 -15.71 -2.19
C ILE A 40 15.87 -15.05 -2.72
N GLU A 41 16.37 -14.03 -2.03
CA GLU A 41 17.55 -13.34 -2.53
C GLU A 41 18.81 -14.17 -2.37
N ALA A 42 18.77 -15.19 -1.51
CA ALA A 42 19.85 -16.17 -1.47
C ALA A 42 19.77 -17.18 -2.60
N GLY A 43 18.77 -17.09 -3.48
CA GLY A 43 18.62 -18.03 -4.57
C GLY A 43 17.79 -19.27 -4.24
N LYS A 44 17.32 -19.40 -3.01
CA LYS A 44 16.49 -20.54 -2.62
C LYS A 44 15.06 -20.33 -3.11
N THR A 45 14.38 -21.43 -3.41
CA THR A 45 13.04 -21.36 -3.97
C THR A 45 12.00 -21.82 -2.95
N ILE A 46 10.73 -21.55 -3.27
CA ILE A 46 9.59 -21.93 -2.44
C ILE A 46 8.58 -22.62 -3.34
N ASP A 47 8.14 -23.82 -2.93
CA ASP A 47 7.26 -24.64 -3.76
C ASP A 47 5.96 -24.98 -3.06
N THR A 48 5.69 -24.32 -1.92
CA THR A 48 4.56 -24.68 -1.07
C THR A 48 3.22 -24.63 -1.80
N LEU A 49 3.07 -23.70 -2.75
CA LEU A 49 1.80 -23.53 -3.43
C LEU A 49 1.76 -24.22 -4.79
N ARG A 50 2.64 -25.20 -5.03
CA ARG A 50 2.58 -25.98 -6.25
CA ARG A 50 2.58 -25.97 -6.25
C ARG A 50 1.19 -26.57 -6.44
N GLY A 51 0.62 -26.40 -7.62
CA GLY A 51 -0.70 -26.93 -7.89
C GLY A 51 -1.86 -26.06 -7.45
N ARG A 52 -1.60 -24.89 -6.86
CA ARG A 52 -2.67 -23.95 -6.51
C ARG A 52 -2.74 -22.85 -7.57
N VAL A 53 -3.95 -22.36 -7.80
CA VAL A 53 -4.23 -21.48 -8.94
C VAL A 53 -4.75 -20.14 -8.45
N MET A 54 -4.14 -19.06 -8.92
CA MET A 54 -4.64 -17.71 -8.74
C MET A 54 -5.26 -17.24 -10.04
N THR A 55 -6.45 -16.63 -9.96
CA THR A 55 -6.97 -15.89 -11.11
C THR A 55 -7.12 -14.41 -10.75
N PRO A 56 -6.41 -13.51 -11.41
CA PRO A 56 -6.70 -12.08 -11.28
C PRO A 56 -7.84 -11.68 -12.19
N LEU A 57 -8.69 -10.79 -11.67
CA LEU A 57 -9.83 -10.26 -12.42
C LEU A 57 -9.72 -8.74 -12.29
N PHE A 58 -9.16 -8.09 -13.30
CA PHE A 58 -8.82 -6.67 -13.23
C PHE A 58 -9.69 -5.89 -14.21
N PHE A 59 -10.62 -5.12 -13.66
CA PHE A 59 -11.51 -4.30 -14.47
C PHE A 59 -10.91 -2.95 -14.82
N GLU A 60 -9.82 -2.57 -14.15
CA GLU A 60 -9.05 -1.41 -14.53
C GLU A 60 -7.59 -1.84 -14.61
N ASP A 61 -6.83 -1.18 -15.49
CA ASP A 61 -5.43 -1.51 -15.64
C ASP A 61 -4.64 -1.06 -14.42
N SER A 62 -3.82 -1.96 -13.88
CA SER A 62 -2.79 -1.59 -12.91
C SER A 62 -1.70 -2.65 -13.03
N SER A 63 -0.87 -2.51 -14.08
CA SER A 63 0.14 -3.53 -14.36
C SER A 63 1.11 -3.67 -13.21
N ARG A 64 1.42 -2.57 -12.51
CA ARG A 64 2.32 -2.64 -11.35
C ARG A 64 1.75 -3.56 -10.26
N THR A 65 0.49 -3.38 -9.89
CA THR A 65 -0.08 -4.22 -8.84
C THR A 65 -0.36 -5.65 -9.34
N LEU A 66 -0.87 -5.77 -10.56
CA LEU A 66 -1.17 -7.09 -11.12
C LEU A 66 0.10 -7.95 -11.18
N SER A 67 1.17 -7.41 -11.78
CA SER A 67 2.36 -8.24 -11.98
C SER A 67 2.97 -8.66 -10.65
N SER A 68 2.86 -7.80 -9.63
CA SER A 68 3.37 -8.14 -8.29
C SER A 68 2.63 -9.34 -7.70
N PHE A 69 1.28 -9.33 -7.77
CA PHE A 69 0.51 -10.49 -7.31
C PHE A 69 0.88 -11.75 -8.08
N CYS A 70 1.02 -11.64 -9.41
CA CYS A 70 1.36 -12.81 -10.21
C CYS A 70 2.75 -13.32 -9.89
N ALA A 71 3.72 -12.41 -9.76
CA ALA A 71 5.08 -12.84 -9.44
C ALA A 71 5.15 -13.46 -8.05
N ALA A 72 4.44 -12.87 -7.09
CA ALA A 72 4.38 -13.43 -5.74
C ALA A 72 3.84 -14.85 -5.77
N MET A 73 2.75 -15.08 -6.50
CA MET A 73 2.18 -16.42 -6.60
C MET A 73 3.19 -17.40 -7.21
N MET A 74 3.86 -17.00 -8.29
CA MET A 74 4.76 -17.94 -8.95
C MET A 74 6.03 -18.21 -8.13
N ARG A 75 6.51 -17.23 -7.37
CA ARG A 75 7.66 -17.45 -6.52
C ARG A 75 7.33 -18.26 -5.27
N LEU A 76 6.06 -18.60 -5.05
CA LEU A 76 5.66 -19.58 -4.06
C LEU A 76 5.41 -20.95 -4.67
N GLY A 77 5.68 -21.10 -5.98
CA GLY A 77 5.39 -22.32 -6.69
C GLY A 77 4.01 -22.42 -7.28
N GLY A 78 3.15 -21.42 -7.09
CA GLY A 78 1.78 -21.48 -7.57
C GLY A 78 1.65 -21.13 -9.05
N SER A 79 0.44 -21.32 -9.55
CA SER A 79 0.09 -21.08 -10.95
C SER A 79 -0.83 -19.88 -11.05
N VAL A 80 -0.83 -19.22 -12.20
CA VAL A 80 -1.71 -18.08 -12.46
C VAL A 80 -2.44 -18.29 -13.78
N VAL A 81 -3.76 -18.14 -13.74
CA VAL A 81 -4.60 -18.23 -14.93
C VAL A 81 -5.20 -16.84 -15.18
N ASN A 82 -5.02 -16.32 -16.39
CA ASN A 82 -5.61 -15.04 -16.75
C ASN A 82 -7.09 -15.21 -17.05
N PHE A 83 -7.86 -14.13 -16.84
CA PHE A 83 -9.28 -14.12 -17.19
C PHE A 83 -9.60 -12.74 -17.71
N LYS A 84 -9.72 -12.61 -19.03
CA LYS A 84 -10.02 -11.33 -19.65
C LYS A 84 -11.46 -10.92 -19.35
N VAL A 85 -11.63 -9.74 -18.78
CA VAL A 85 -12.97 -9.18 -18.64
C VAL A 85 -13.54 -8.93 -20.03
N GLU A 86 -14.74 -9.42 -20.27
CA GLU A 86 -15.33 -9.38 -21.61
C GLU A 86 -16.23 -8.17 -21.85
N GLY A 93 -22.71 -7.62 -20.50
CA GLY A 93 -22.15 -8.92 -20.16
C GLY A 93 -22.87 -9.65 -19.05
N GLU A 94 -22.31 -10.77 -18.60
CA GLU A 94 -22.91 -11.48 -17.48
C GLU A 94 -22.62 -10.72 -16.18
N THR A 95 -23.38 -11.06 -15.13
CA THR A 95 -23.17 -10.42 -13.83
C THR A 95 -21.77 -10.69 -13.30
N LEU A 96 -21.27 -9.75 -12.49
CA LEU A 96 -20.00 -9.97 -11.82
C LEU A 96 -20.05 -11.22 -10.95
N GLN A 97 -21.19 -11.45 -10.30
CA GLN A 97 -21.35 -12.65 -9.48
C GLN A 97 -21.11 -13.91 -10.30
N ASP A 98 -21.72 -14.00 -11.49
CA ASP A 98 -21.52 -15.20 -12.31
C ASP A 98 -20.07 -15.34 -12.73
N THR A 99 -19.38 -14.23 -12.97
CA THR A 99 -17.98 -14.30 -13.32
C THR A 99 -17.15 -14.86 -12.16
N ILE A 100 -17.43 -14.37 -10.95
CA ILE A 100 -16.74 -14.89 -9.76
C ILE A 100 -16.96 -16.39 -9.62
N ARG A 101 -18.22 -16.85 -9.76
CA ARG A 101 -18.49 -18.28 -9.70
C ARG A 101 -17.68 -19.04 -10.74
N THR A 102 -17.52 -18.46 -11.93
CA THR A 102 -16.71 -19.10 -12.96
C THR A 102 -15.26 -19.25 -12.50
N LEU A 103 -14.69 -18.20 -11.89
CA LEU A 103 -13.33 -18.29 -11.36
CA LEU A 103 -13.33 -18.29 -11.36
C LEU A 103 -13.23 -19.34 -10.26
N ASP A 104 -14.24 -19.41 -9.38
CA ASP A 104 -14.20 -20.38 -8.27
C ASP A 104 -14.27 -21.82 -8.75
N SER A 105 -14.70 -22.06 -9.99
CA SER A 105 -14.78 -23.42 -10.47
C SER A 105 -13.41 -24.06 -10.61
N TYR A 106 -12.35 -23.26 -10.74
CA TYR A 106 -11.04 -23.85 -10.95
C TYR A 106 -9.92 -23.20 -10.13
N SER A 107 -10.20 -22.12 -9.37
CA SER A 107 -9.17 -21.33 -8.70
C SER A 107 -9.10 -21.67 -7.20
N ASP A 108 -7.95 -21.36 -6.61
CA ASP A 108 -7.76 -21.38 -5.17
C ASP A 108 -7.80 -19.99 -4.53
N VAL A 109 -7.45 -18.95 -5.27
CA VAL A 109 -7.46 -17.60 -4.76
C VAL A 109 -7.78 -16.66 -5.92
N LEU A 110 -8.59 -15.64 -5.64
CA LEU A 110 -8.95 -14.63 -6.62
C LEU A 110 -8.30 -13.30 -6.23
N VAL A 111 -7.96 -12.49 -7.23
CA VAL A 111 -7.44 -11.14 -7.00
C VAL A 111 -8.33 -10.18 -7.78
N LEU A 112 -9.08 -9.33 -7.08
CA LEU A 112 -10.06 -8.44 -7.70
C LEU A 112 -9.59 -6.99 -7.68
N ARG A 113 -9.59 -6.37 -8.86
CA ARG A 113 -9.33 -4.94 -9.01
C ARG A 113 -10.52 -4.31 -9.74
N HIS A 114 -11.30 -3.53 -9.01
CA HIS A 114 -12.49 -2.87 -9.55
C HIS A 114 -12.61 -1.52 -8.85
N ALA A 115 -12.99 -0.48 -9.60
CA ALA A 115 -13.06 0.84 -9.00
C ALA A 115 -14.17 0.94 -7.95
N LYS A 116 -15.23 0.15 -8.06
CA LYS A 116 -16.39 0.29 -7.20
C LYS A 116 -16.29 -0.61 -5.97
N GLU A 117 -16.46 -0.02 -4.77
CA GLU A 117 -16.47 -0.85 -3.58
C GLU A 117 -17.61 -1.86 -3.61
N GLU A 118 -18.72 -1.53 -4.30
CA GLU A 118 -19.82 -2.46 -4.48
C GLU A 118 -19.37 -3.76 -5.13
N ALA A 119 -18.41 -3.69 -6.05
CA ALA A 119 -17.97 -4.88 -6.74
C ALA A 119 -17.35 -5.89 -5.78
N LEU A 120 -16.53 -5.42 -4.83
CA LEU A 120 -15.94 -6.34 -3.86
C LEU A 120 -17.03 -6.98 -3.00
N GLU A 121 -18.03 -6.18 -2.60
CA GLU A 121 -19.14 -6.75 -1.84
CA GLU A 121 -19.18 -6.71 -1.86
C GLU A 121 -19.85 -7.85 -2.63
N GLN A 122 -20.20 -7.56 -3.88
CA GLN A 122 -20.89 -8.54 -4.71
C GLN A 122 -20.05 -9.80 -4.89
N ALA A 123 -18.73 -9.63 -5.10
CA ALA A 123 -17.87 -10.77 -5.29
C ALA A 123 -17.81 -11.63 -4.04
N MET A 124 -17.60 -11.01 -2.88
CA MET A 124 -17.56 -11.78 -1.65
C MET A 124 -18.90 -12.39 -1.29
N SER A 125 -20.01 -11.86 -1.83
CA SER A 125 -21.32 -12.42 -1.53
C SER A 125 -21.50 -13.82 -2.11
N VAL A 126 -20.71 -14.20 -3.12
CA VAL A 126 -20.84 -15.52 -3.73
C VAL A 126 -19.53 -16.30 -3.75
N ALA A 127 -18.37 -15.68 -3.55
CA ALA A 127 -17.11 -16.39 -3.71
C ALA A 127 -16.97 -17.51 -2.68
N THR A 128 -16.38 -18.63 -3.10
CA THR A 128 -16.08 -19.72 -2.19
C THR A 128 -14.59 -19.84 -1.90
N HIS A 129 -13.75 -19.05 -2.54
CA HIS A 129 -12.33 -19.00 -2.25
C HIS A 129 -11.96 -17.59 -1.85
N PRO A 130 -10.81 -17.41 -1.17
CA PRO A 130 -10.43 -16.07 -0.72
C PRO A 130 -10.24 -15.11 -1.89
N ILE A 131 -10.68 -13.87 -1.69
CA ILE A 131 -10.47 -12.77 -2.63
C ILE A 131 -9.46 -11.80 -2.01
N MET A 132 -8.43 -11.47 -2.77
CA MET A 132 -7.49 -10.41 -2.41
C MET A 132 -7.95 -9.12 -3.08
N ASN A 133 -8.28 -8.11 -2.29
CA ASN A 133 -8.66 -6.82 -2.87
C ASN A 133 -7.41 -6.10 -3.33
N ALA A 134 -7.29 -5.89 -4.65
CA ALA A 134 -6.12 -5.25 -5.24
C ALA A 134 -6.26 -3.72 -5.37
N GLY A 135 -7.29 -3.13 -4.76
CA GLY A 135 -7.44 -1.68 -4.77
C GLY A 135 -8.78 -1.26 -5.33
N ASN A 136 -9.44 -0.27 -4.71
CA ASN A 136 -10.67 0.26 -5.29
C ASN A 136 -10.74 1.77 -5.03
N GLY A 137 -11.80 2.39 -5.57
CA GLY A 137 -11.99 3.82 -5.49
C GLY A 137 -12.40 4.33 -4.12
N ALA A 138 -12.77 3.44 -3.20
CA ALA A 138 -13.00 3.82 -1.81
C ALA A 138 -11.70 3.93 -1.02
N GLY A 139 -10.55 3.68 -1.64
CA GLY A 139 -9.28 3.80 -0.96
C GLY A 139 -8.84 2.56 -0.21
N GLU A 140 -9.53 1.43 -0.38
CA GLU A 140 -9.12 0.18 0.25
C GLU A 140 -8.15 -0.54 -0.69
N HIS A 141 -6.88 -0.53 -0.34
CA HIS A 141 -5.81 -1.12 -1.14
C HIS A 141 -4.91 -1.82 -0.13
N PRO A 142 -5.36 -2.94 0.45
CA PRO A 142 -4.69 -3.46 1.64
C PRO A 142 -3.24 -3.83 1.42
N THR A 143 -2.87 -4.35 0.24
CA THR A 143 -1.46 -4.74 0.06
C THR A 143 -0.58 -3.52 -0.19
N GLN A 144 -1.12 -2.42 -0.74
CA GLN A 144 -0.34 -1.18 -0.80
C GLN A 144 -0.07 -0.64 0.60
N ALA A 145 -1.11 -0.54 1.44
CA ALA A 145 -0.90 -0.10 2.82
C ALA A 145 0.15 -0.96 3.52
N LEU A 146 0.03 -2.28 3.40
CA LEU A 146 0.92 -3.17 4.11
C LEU A 146 2.35 -3.12 3.56
N LEU A 147 2.49 -3.02 2.23
CA LEU A 147 3.84 -2.88 1.68
C LEU A 147 4.45 -1.53 2.06
N ASP A 148 3.64 -0.47 2.17
CA ASP A 148 4.17 0.81 2.63
C ASP A 148 4.71 0.69 4.04
N ILE A 149 3.97 0.01 4.92
CA ILE A 149 4.44 -0.18 6.30
C ILE A 149 5.71 -1.01 6.32
N LEU A 150 5.74 -2.10 5.55
CA LEU A 150 6.95 -2.92 5.47
C LEU A 150 8.16 -2.10 5.01
N THR A 151 7.96 -1.24 4.01
CA THR A 151 9.06 -0.43 3.50
C THR A 151 9.63 0.45 4.59
N ILE A 152 8.77 1.15 5.33
CA ILE A 152 9.25 1.99 6.42
C ILE A 152 10.02 1.15 7.43
N HIS A 153 9.43 0.03 7.85
CA HIS A 153 10.07 -0.79 8.88
C HIS A 153 11.42 -1.33 8.41
N ALA A 154 11.48 -1.81 7.17
CA ALA A 154 12.71 -2.40 6.65
C ALA A 154 13.78 -1.34 6.43
N GLU A 155 13.37 -0.15 5.97
CA GLU A 155 14.34 0.90 5.65
C GLU A 155 14.86 1.60 6.90
N LEU A 156 13.99 1.88 7.87
CA LEU A 156 14.39 2.65 9.04
C LEU A 156 14.59 1.81 10.30
N GLY A 157 14.06 0.58 10.35
CA GLY A 157 14.17 -0.28 11.50
C GLY A 157 12.94 -0.28 12.39
N ALA A 158 12.04 0.68 12.23
CA ALA A 158 10.82 0.75 13.04
C ALA A 158 9.85 1.73 12.41
N VAL A 159 8.57 1.53 12.69
CA VAL A 159 7.53 2.48 12.32
C VAL A 159 7.10 3.31 13.52
N ASP A 160 6.95 2.68 14.68
CA ASP A 160 6.83 3.40 15.94
C ASP A 160 7.86 4.52 16.00
N GLY A 161 7.41 5.72 16.37
CA GLY A 161 8.28 6.84 16.63
C GLY A 161 8.51 7.79 15.48
N ILE A 162 8.00 7.51 14.27
CA ILE A 162 8.38 8.29 13.10
C ILE A 162 7.56 9.56 13.01
N ALA A 163 8.16 10.56 12.33
CA ALA A 163 7.43 11.66 11.74
C ALA A 163 7.35 11.43 10.24
N ILE A 164 6.14 11.51 9.69
CA ILE A 164 5.90 11.21 8.29
C ILE A 164 5.09 12.34 7.68
N ALA A 165 5.45 12.75 6.47
CA ALA A 165 4.67 13.72 5.71
C ALA A 165 3.92 12.99 4.61
N LEU A 166 2.60 13.19 4.56
CA LEU A 166 1.76 12.71 3.47
C LEU A 166 1.52 13.90 2.56
N ILE A 167 1.93 13.78 1.29
CA ILE A 167 2.08 14.93 0.41
C ILE A 167 1.29 14.67 -0.86
N GLY A 168 0.34 15.56 -1.17
CA GLY A 168 -0.36 15.47 -2.45
C GLY A 168 -1.78 16.03 -2.34
N ASP A 169 -2.65 15.50 -3.20
CA ASP A 169 -4.08 15.78 -3.13
C ASP A 169 -4.64 14.91 -2.01
N LEU A 170 -4.63 15.45 -0.79
CA LEU A 170 -5.11 14.67 0.35
C LEU A 170 -6.64 14.63 0.43
N LYS A 171 -7.32 15.55 -0.27
CA LYS A 171 -8.78 15.50 -0.30
C LYS A 171 -9.27 14.28 -1.06
N LYS A 172 -8.81 14.10 -2.29
CA LYS A 172 -9.35 13.05 -3.14
C LYS A 172 -8.57 11.74 -3.04
N GLY A 173 -7.39 11.75 -2.41
CA GLY A 173 -6.57 10.55 -2.33
C GLY A 173 -7.04 9.61 -1.24
N ARG A 174 -8.09 8.84 -1.53
CA ARG A 174 -8.71 8.03 -0.49
C ARG A 174 -7.81 6.89 -0.04
N THR A 175 -6.88 6.43 -0.89
CA THR A 175 -5.97 5.39 -0.45
C THR A 175 -5.05 5.91 0.65
N VAL A 176 -4.66 7.19 0.57
CA VAL A 176 -3.86 7.81 1.63
C VAL A 176 -4.70 8.02 2.89
N HIS A 177 -6.00 8.29 2.76
CA HIS A 177 -6.87 8.30 3.95
C HIS A 177 -6.74 6.99 4.72
N SER A 178 -6.81 5.87 3.99
CA SER A 178 -6.72 4.55 4.62
CA SER A 178 -6.72 4.57 4.64
C SER A 178 -5.33 4.34 5.25
N LEU A 179 -4.28 4.79 4.57
CA LEU A 179 -2.94 4.64 5.13
C LEU A 179 -2.81 5.40 6.44
N LEU A 180 -3.32 6.64 6.49
CA LEU A 180 -3.28 7.41 7.73
C LEU A 180 -4.04 6.70 8.84
N LYS A 181 -5.26 6.22 8.54
CA LYS A 181 -6.04 5.52 9.56
C LYS A 181 -5.28 4.32 10.10
N LEU A 182 -4.67 3.54 9.19
CA LEU A 182 -3.95 2.34 9.61
C LEU A 182 -2.75 2.69 10.47
N LEU A 183 -1.98 3.71 10.08
CA LEU A 183 -0.79 4.08 10.82
C LEU A 183 -1.16 4.58 12.22
N ALA A 184 -2.16 5.47 12.30
CA ALA A 184 -2.54 6.05 13.59
C ALA A 184 -3.16 5.00 14.51
N HIS A 185 -3.83 4.00 13.96
CA HIS A 185 -4.45 2.98 14.80
C HIS A 185 -3.43 2.01 15.38
N ASN A 186 -2.35 1.74 14.66
CA ASN A 186 -1.49 0.61 14.99
C ASN A 186 -0.09 0.98 15.45
N PHE A 187 0.34 2.23 15.31
CA PHE A 187 1.72 2.58 15.57
C PHE A 187 1.82 3.85 16.40
N ALA A 188 2.85 3.90 17.24
CA ALA A 188 3.12 5.04 18.11
C ALA A 188 3.87 6.12 17.34
N LEU A 189 3.18 6.71 16.36
CA LEU A 189 3.77 7.77 15.56
C LEU A 189 4.13 8.96 16.43
N ARG A 190 5.19 9.67 16.05
CA ARG A 190 5.46 10.96 16.68
C ARG A 190 4.61 12.06 16.03
N LYS A 191 4.58 12.12 14.71
CA LYS A 191 3.98 13.27 14.06
C LYS A 191 3.60 12.92 12.63
N VAL A 192 2.47 13.44 12.17
CA VAL A 192 2.06 13.35 10.77
C VAL A 192 1.91 14.76 10.23
N TYR A 193 2.69 15.07 9.20
CA TYR A 193 2.51 16.31 8.44
C TYR A 193 1.58 16.02 7.27
N LEU A 194 0.54 16.85 7.10
CA LEU A 194 -0.41 16.73 6.00
C LEU A 194 -0.16 17.90 5.05
N ILE A 195 0.53 17.64 3.94
CA ILE A 195 1.00 18.69 3.02
C ILE A 195 0.14 18.62 1.76
N ALA A 196 -0.68 19.65 1.54
CA ALA A 196 -1.59 19.64 0.41
C ALA A 196 -1.84 21.06 -0.03
N PRO A 197 -2.04 21.29 -1.33
CA PRO A 197 -2.40 22.64 -1.80
C PRO A 197 -3.71 23.10 -1.18
N ALA A 198 -3.89 24.42 -1.15
CA ALA A 198 -5.12 25.02 -0.63
C ALA A 198 -6.35 24.40 -1.29
N GLY A 199 -7.28 23.95 -0.45
CA GLY A 199 -8.50 23.33 -0.94
C GLY A 199 -8.43 21.83 -1.13
N LEU A 200 -7.25 21.22 -1.05
CA LEU A 200 -7.09 19.79 -1.21
C LEU A 200 -6.68 19.12 0.11
N GLU A 201 -7.11 19.70 1.23
CA GLU A 201 -6.72 19.19 2.53
C GLU A 201 -7.35 17.83 2.79
N MET A 202 -6.72 17.08 3.68
CA MET A 202 -7.29 15.88 4.25
C MET A 202 -8.70 16.18 4.78
N PRO A 203 -9.72 15.39 4.42
CA PRO A 203 -11.09 15.72 4.83
C PRO A 203 -11.26 15.66 6.35
N ALA A 204 -12.12 16.55 6.84
CA ALA A 204 -12.40 16.60 8.28
C ALA A 204 -12.90 15.26 8.81
N GLU A 205 -13.66 14.52 7.99
CA GLU A 205 -14.18 13.24 8.44
C GLU A 205 -13.06 12.25 8.75
N VAL A 206 -11.92 12.35 8.04
CA VAL A 206 -10.81 11.45 8.30
C VAL A 206 -10.09 11.84 9.60
N LEU A 207 -9.92 13.15 9.84
CA LEU A 207 -9.35 13.58 11.11
C LEU A 207 -10.24 13.19 12.28
N GLU A 208 -11.56 13.28 12.10
CA GLU A 208 -12.46 12.83 13.16
C GLU A 208 -12.31 11.32 13.36
N HIS A 209 -12.09 10.57 12.27
CA HIS A 209 -11.98 9.12 12.39
C HIS A 209 -10.77 8.73 13.25
N VAL A 210 -9.63 9.41 13.07
CA VAL A 210 -8.42 9.02 13.78
C VAL A 210 -8.30 9.69 15.14
N ALA A 211 -9.26 10.53 15.53
CA ALA A 211 -9.10 11.36 16.72
C ALA A 211 -8.91 10.53 17.99
N THR A 212 -9.72 9.47 18.17
CA THR A 212 -9.57 8.59 19.33
C THR A 212 -8.14 8.07 19.42
N ASP A 213 -7.59 7.59 18.30
CA ASP A 213 -6.25 7.02 18.30
C ASP A 213 -5.18 8.07 18.53
N VAL A 214 -5.31 9.22 17.86
CA VAL A 214 -4.30 10.28 17.96
CA VAL A 214 -4.26 10.23 17.97
C VAL A 214 -4.20 10.81 19.38
N VAL A 215 -5.32 10.84 20.10
CA VAL A 215 -5.30 11.38 21.46
C VAL A 215 -4.83 10.32 22.46
N LYS A 216 -5.19 9.05 22.27
CA LYS A 216 -4.66 8.00 23.13
C LYS A 216 -3.15 7.87 22.98
N ARG A 217 -2.65 7.99 21.74
CA ARG A 217 -1.24 7.81 21.44
C ARG A 217 -0.43 9.09 21.51
N GLY A 218 -1.07 10.25 21.57
CA GLY A 218 -0.33 11.50 21.62
C GLY A 218 0.36 11.86 20.32
N ILE A 219 -0.24 11.51 19.18
CA ILE A 219 0.34 11.81 17.87
C ILE A 219 0.05 13.25 17.50
N ALA A 220 1.09 13.99 17.09
CA ALA A 220 0.90 15.34 16.56
C ALA A 220 0.45 15.26 15.11
N ILE A 221 -0.55 16.08 14.77
CA ILE A 221 -1.03 16.25 13.40
C ILE A 221 -0.84 17.71 13.01
N GLN A 222 -0.20 17.96 11.86
CA GLN A 222 0.07 19.32 11.41
C GLN A 222 -0.26 19.46 9.93
N GLN A 223 -1.13 20.42 9.60
CA GLN A 223 -1.48 20.73 8.22
C GLN A 223 -0.68 21.93 7.71
N ALA A 224 -0.21 21.82 6.47
CA ALA A 224 0.50 22.91 5.81
C ALA A 224 0.28 22.81 4.30
N SER A 225 0.43 23.94 3.61
CA SER A 225 0.19 23.94 2.17
C SER A 225 1.44 23.67 1.34
N GLY A 226 2.59 23.50 1.98
CA GLY A 226 3.80 23.23 1.23
C GLY A 226 4.90 22.75 2.15
N LEU A 227 5.92 22.15 1.55
CA LEU A 227 7.11 21.76 2.28
C LEU A 227 7.97 22.97 2.57
N THR A 228 8.69 22.92 3.70
CA THR A 228 9.63 23.92 4.13
C THR A 228 10.86 23.20 4.63
N PRO A 229 12.01 23.89 4.73
CA PRO A 229 13.19 23.22 5.29
C PRO A 229 12.96 22.67 6.68
N GLU A 230 12.15 23.35 7.49
CA GLU A 230 11.89 22.89 8.86
C GLU A 230 11.09 21.60 8.87
N ILE A 231 10.05 21.51 8.02
CA ILE A 231 9.27 20.29 7.95
C ILE A 231 10.11 19.14 7.42
N VAL A 232 10.85 19.39 6.33
CA VAL A 232 11.69 18.36 5.74
C VAL A 232 12.70 17.83 6.75
N ALA A 233 13.35 18.74 7.48
CA ALA A 233 14.38 18.34 8.44
C ALA A 233 13.83 17.48 9.56
N ASP A 234 12.54 17.62 9.86
CA ASP A 234 11.91 16.90 10.97
C ASP A 234 11.40 15.51 10.58
N CYS A 235 11.30 15.20 9.29
CA CYS A 235 10.62 14.00 8.85
C CYS A 235 11.56 12.81 8.70
N ASP A 236 11.08 11.65 9.13
CA ASP A 236 11.72 10.37 8.84
C ASP A 236 11.24 9.76 7.54
N VAL A 237 10.04 10.13 7.09
CA VAL A 237 9.46 9.66 5.83
C VAL A 237 8.80 10.85 5.14
N LEU A 238 9.17 11.06 3.87
CA LEU A 238 8.41 11.92 2.96
C LEU A 238 7.66 11.00 2.01
N TYR A 239 6.34 10.94 2.13
CA TYR A 239 5.51 10.04 1.33
C TYR A 239 4.77 10.89 0.32
N ALA A 240 5.22 10.86 -0.93
CA ALA A 240 4.66 11.68 -2.00
C ALA A 240 3.64 10.91 -2.82
N THR A 241 2.68 11.65 -3.38
CA THR A 241 1.68 11.07 -4.25
C THR A 241 1.45 12.00 -5.44
N ARG A 242 0.82 11.46 -6.47
CA ARG A 242 0.61 12.14 -7.73
C ARG A 242 -0.60 13.06 -7.67
N LEU A 243 -0.44 14.32 -8.11
CA LEU A 243 -1.53 15.27 -8.26
C LEU A 243 -2.14 15.16 -9.65
N GLN A 244 -3.40 14.75 -9.74
CA GLN A 244 -4.11 14.70 -11.00
C GLN A 244 -5.10 15.86 -11.09
N LYS A 245 -5.23 16.43 -12.29
CA LYS A 245 -6.19 17.52 -12.50
C LYS A 245 -7.62 17.03 -12.26
N LEU A 259 -8.28 23.18 -10.13
CA LEU A 259 -8.08 24.43 -9.39
C LEU A 259 -7.16 25.36 -10.17
N THR A 260 -7.40 26.68 -10.07
CA THR A 260 -6.65 27.66 -10.86
C THR A 260 -5.19 27.75 -10.46
N ALA A 261 -4.77 27.14 -9.34
CA ALA A 261 -3.38 27.13 -8.91
C ALA A 261 -2.74 25.75 -9.03
N PHE A 262 -3.27 24.92 -9.93
CA PHE A 262 -2.75 23.56 -10.10
C PHE A 262 -1.26 23.56 -10.44
N GLU A 263 -0.89 24.19 -11.57
CA GLU A 263 0.50 24.19 -11.97
C GLU A 263 1.37 24.96 -10.98
N ALA A 264 0.85 26.08 -10.45
CA ALA A 264 1.62 26.91 -9.54
C ALA A 264 1.92 26.21 -8.21
N SER A 265 1.03 25.33 -7.73
CA SER A 265 1.24 24.66 -6.47
CA SER A 265 1.25 24.67 -6.46
C SER A 265 2.26 23.53 -6.55
N LYS A 266 2.66 23.11 -7.75
CA LYS A 266 3.59 21.99 -7.86
C LYS A 266 4.92 22.28 -7.18
N ALA A 267 5.40 23.53 -7.26
CA ALA A 267 6.70 23.85 -6.70
C ALA A 267 6.75 23.65 -5.19
N SER A 268 5.63 23.88 -4.49
CA SER A 268 5.64 23.76 -3.04
CA SER A 268 5.62 23.75 -3.04
C SER A 268 5.59 22.31 -2.57
N LEU A 269 5.22 21.36 -3.44
CA LEU A 269 5.21 19.95 -3.08
C LEU A 269 6.38 19.16 -3.67
N LEU A 270 7.10 19.73 -4.63
CA LEU A 270 8.14 19.01 -5.36
C LEU A 270 9.23 18.51 -4.42
N ILE A 271 9.62 17.25 -4.58
CA ILE A 271 10.77 16.69 -3.88
C ILE A 271 11.86 16.48 -4.91
N ASP A 272 12.98 17.17 -4.74
CA ASP A 272 14.13 17.05 -5.63
C ASP A 272 15.40 17.14 -4.78
N LYS A 273 16.54 17.21 -5.45
CA LYS A 273 17.82 17.27 -4.75
C LYS A 273 17.90 18.52 -3.87
N ALA A 274 17.42 19.66 -4.37
CA ALA A 274 17.43 20.88 -3.57
C ALA A 274 16.61 20.70 -2.30
N ARG A 275 15.45 20.04 -2.41
CA ARG A 275 14.62 19.82 -1.23
C ARG A 275 15.30 18.90 -0.23
N LEU A 276 16.00 17.87 -0.70
CA LEU A 276 16.63 16.93 0.22
C LEU A 276 17.87 17.49 0.90
N ALA A 277 18.32 18.69 0.52
CA ALA A 277 19.47 19.30 1.19
C ALA A 277 19.22 19.48 2.68
N HIS A 278 17.96 19.66 3.08
CA HIS A 278 17.60 19.84 4.48
C HIS A 278 17.13 18.55 5.14
N ALA A 279 17.11 17.43 4.45
CA ALA A 279 16.63 16.18 5.02
C ALA A 279 17.67 15.53 5.93
N LYS A 280 17.17 14.75 6.89
CA LYS A 280 18.01 13.91 7.73
C LYS A 280 18.87 12.96 6.89
N ALA A 281 19.96 12.50 7.49
CA ALA A 281 20.72 11.41 6.88
C ALA A 281 19.91 10.12 6.88
N LYS A 282 19.21 9.82 7.97
CA LYS A 282 18.44 8.59 8.11
C LYS A 282 16.96 8.93 7.89
N MET A 283 16.54 8.91 6.62
CA MET A 283 15.13 9.06 6.27
C MET A 283 14.93 8.40 4.90
N VAL A 284 13.65 8.25 4.50
CA VAL A 284 13.36 7.76 3.16
C VAL A 284 12.29 8.62 2.50
N VAL A 285 12.39 8.68 1.17
CA VAL A 285 11.35 9.21 0.30
C VAL A 285 10.62 8.02 -0.29
N MET A 286 9.29 8.05 -0.22
CA MET A 286 8.46 6.97 -0.74
C MET A 286 7.39 7.56 -1.65
N HIS A 287 6.81 6.70 -2.48
CA HIS A 287 5.80 7.09 -3.45
C HIS A 287 5.18 5.81 -3.95
N PRO A 288 3.85 5.65 -3.89
CA PRO A 288 3.24 4.38 -4.32
C PRO A 288 3.40 4.11 -5.82
N LEU A 289 3.60 5.16 -6.63
CA LEU A 289 3.84 5.16 -8.08
C LEU A 289 2.54 4.84 -8.83
N PRO A 290 2.37 5.31 -10.08
CA PRO A 290 3.32 6.09 -10.88
C PRO A 290 3.48 7.54 -10.42
N ARG A 291 4.61 8.12 -10.77
CA ARG A 291 4.89 9.53 -10.54
C ARG A 291 4.88 10.29 -11.86
N VAL A 292 4.65 11.59 -11.79
CA VAL A 292 4.89 12.45 -12.94
C VAL A 292 6.15 13.25 -12.62
N ASP A 293 5.99 14.53 -12.30
CA ASP A 293 7.11 15.42 -12.04
CA ASP A 293 7.14 15.38 -12.02
C ASP A 293 7.27 15.78 -10.56
N GLU A 294 6.38 15.29 -9.69
CA GLU A 294 6.39 15.68 -8.28
C GLU A 294 7.55 15.05 -7.52
N LEU A 295 8.28 14.14 -8.16
CA LEU A 295 9.44 13.50 -7.58
CA LEU A 295 9.45 13.49 -7.58
C LEU A 295 10.52 13.50 -8.65
N SER A 296 11.53 14.34 -8.49
CA SER A 296 12.52 14.52 -9.56
C SER A 296 13.39 13.29 -9.73
N THR A 297 13.80 13.03 -10.97
CA THR A 297 14.80 11.99 -11.20
C THR A 297 16.15 12.35 -10.61
N ASP A 298 16.37 13.61 -10.21
CA ASP A 298 17.70 13.98 -9.72
C ASP A 298 17.95 13.49 -8.30
N ILE A 299 17.01 12.80 -7.66
CA ILE A 299 17.26 12.08 -6.42
C ILE A 299 17.15 10.56 -6.60
N ASP A 300 17.00 10.07 -7.83
CA ASP A 300 16.77 8.64 -8.03
C ASP A 300 17.95 7.77 -7.56
N ASP A 301 19.16 8.32 -7.49
CA ASP A 301 20.32 7.57 -7.02
C ASP A 301 20.68 7.88 -5.58
N ASP A 302 19.92 8.74 -4.91
CA ASP A 302 20.16 9.03 -3.51
C ASP A 302 19.81 7.82 -2.66
N PRO A 303 20.66 7.42 -1.70
CA PRO A 303 20.33 6.24 -0.89
C PRO A 303 19.01 6.34 -0.15
N ARG A 304 18.51 7.55 0.09
CA ARG A 304 17.24 7.71 0.78
C ARG A 304 16.04 7.57 -0.14
N ALA A 305 16.27 7.44 -1.45
CA ALA A 305 15.17 7.28 -2.40
C ALA A 305 14.72 5.82 -2.35
N ALA A 306 13.61 5.56 -1.65
CA ALA A 306 13.17 4.20 -1.37
C ALA A 306 12.01 3.73 -2.26
N TYR A 307 11.53 4.57 -3.18
CA TYR A 307 10.30 4.24 -3.90
C TYR A 307 10.49 3.14 -4.94
N PHE A 308 11.72 2.80 -5.31
CA PHE A 308 11.87 1.61 -6.16
C PHE A 308 11.97 0.35 -5.31
N ARG A 309 12.76 0.37 -4.24
CA ARG A 309 12.79 -0.76 -3.32
C ARG A 309 11.41 -1.05 -2.73
N GLN A 310 10.60 0.00 -2.55
CA GLN A 310 9.23 -0.13 -2.07
C GLN A 310 8.45 -1.18 -2.87
N MET A 311 8.64 -1.20 -4.19
CA MET A 311 7.95 -2.19 -5.03
C MET A 311 8.42 -3.61 -4.74
N ARG A 312 9.71 -3.77 -4.41
CA ARG A 312 10.20 -5.10 -4.08
C ARG A 312 9.70 -5.55 -2.71
N TYR A 313 9.60 -4.63 -1.76
CA TYR A 313 8.88 -4.96 -0.53
C TYR A 313 7.45 -5.37 -0.82
N GLY A 314 6.82 -4.76 -1.84
CA GLY A 314 5.48 -5.19 -2.23
C GLY A 314 5.44 -6.65 -2.67
N LEU A 315 6.44 -7.08 -3.44
CA LEU A 315 6.52 -8.49 -3.82
C LEU A 315 6.53 -9.40 -2.59
N PHE A 316 7.39 -9.10 -1.62
CA PHE A 316 7.52 -10.02 -0.50
C PHE A 316 6.35 -9.94 0.48
N MET A 317 5.74 -8.76 0.63
CA MET A 317 4.52 -8.70 1.44
C MET A 317 3.41 -9.51 0.81
N ARG A 318 3.28 -9.45 -0.52
CA ARG A 318 2.22 -10.22 -1.16
C ARG A 318 2.50 -11.72 -1.10
N MET A 319 3.78 -12.12 -1.14
CA MET A 319 4.11 -13.52 -0.91
C MET A 319 3.75 -13.95 0.51
N ALA A 320 4.10 -13.14 1.50
CA ALA A 320 3.75 -13.46 2.89
C ALA A 320 2.24 -13.64 3.04
N ILE A 321 1.48 -12.76 2.39
CA ILE A 321 0.02 -12.83 2.49
C ILE A 321 -0.51 -14.07 1.80
N LEU A 322 -0.13 -14.29 0.54
CA LEU A 322 -0.65 -15.44 -0.20
C LEU A 322 -0.27 -16.75 0.49
N PHE A 323 0.98 -16.85 0.95
CA PHE A 323 1.43 -18.03 1.68
C PHE A 323 0.58 -18.29 2.90
N SER A 324 0.24 -17.23 3.63
CA SER A 324 -0.54 -17.39 4.86
C SER A 324 -1.99 -17.73 4.54
N VAL A 325 -2.55 -17.10 3.50
CA VAL A 325 -3.93 -17.38 3.12
C VAL A 325 -4.10 -18.84 2.69
N LEU A 326 -3.15 -19.35 1.91
CA LEU A 326 -3.33 -20.63 1.24
C LEU A 326 -2.60 -21.80 1.88
N SER A 327 -1.76 -21.59 2.87
CA SER A 327 -1.05 -22.73 3.44
C SER A 327 -2.00 -23.50 4.34
N GLY A 328 -2.00 -24.82 4.18
CA GLY A 328 -2.88 -25.70 4.93
C GLY A 328 -2.22 -27.02 5.25
#